data_5NYB
#
_entry.id   5NYB
#
_cell.length_a   76.254
_cell.length_b   114.769
_cell.length_c   64.842
_cell.angle_alpha   90.000
_cell.angle_beta   90.000
_cell.angle_gamma   90.000
#
_symmetry.space_group_name_H-M   'C 2 2 21'
#
loop_
_entity.id
_entity.type
_entity.pdbx_description
1 polymer Amidase
2 non-polymer adipamide
3 water water
#
_entity_poly.entity_id   1
_entity_poly.type   'polypeptide(L)'
_entity_poly.pdbx_seq_one_letter_code
;MGSSHHHHHHSSGLVPRGSHMRIALMQHTARPLDPQHNLDLIDDAAARASEQGAQLLLTPELFGFGYVPSQICAQVSAEQ
VDAARSRLRGIARDRGIALVWSLPGPEGPEQRGITAELADEHGEVLASYQKVQLYGPEEKAAFVPGEQPPPVLSWGGRQL
SLLVAYDVEFPEMVRAAAARGAQLVLVPTALAGDETSVPGILLPARAVENGITLAYANHCGPEGGLVFDGGSVVVGPAGQ
PLGELGVEPGLLVVDLPDQSQDAGSDSADYLQDRRAELHRNWL
;
_entity_poly.pdbx_strand_id   A
#
# COMPACT_ATOMS: atom_id res chain seq x y z
N GLY A 13 0.00 21.82 7.42
CA GLY A 13 -0.13 23.29 7.17
C GLY A 13 -0.48 23.57 5.72
N LEU A 14 -0.17 24.78 5.29
CA LEU A 14 -0.33 25.14 3.93
C LEU A 14 0.63 24.30 3.09
N VAL A 15 0.29 24.13 1.83
CA VAL A 15 1.15 23.38 0.90
C VAL A 15 2.46 24.18 0.78
N PRO A 16 3.63 23.52 0.93
CA PRO A 16 4.84 24.38 0.85
C PRO A 16 5.29 24.72 -0.57
N ARG A 17 5.99 25.85 -0.65
CA ARG A 17 6.87 26.18 -1.78
C ARG A 17 7.83 25.02 -1.93
N GLY A 18 7.99 24.49 -3.11
CA GLY A 18 8.97 23.40 -3.31
C GLY A 18 8.39 21.98 -3.15
N SER A 19 7.06 21.89 -3.02
CA SER A 19 6.42 20.58 -2.99
C SER A 19 5.25 20.63 -3.90
N HIS A 20 5.12 19.64 -4.74
CA HIS A 20 3.99 19.57 -5.63
C HIS A 20 3.18 18.27 -5.46
N MET A 21 3.48 17.47 -4.41
CA MET A 21 2.65 16.33 -4.09
C MET A 21 2.51 16.18 -2.59
N ARG A 22 1.26 16.13 -2.13
CA ARG A 22 0.92 15.90 -0.77
C ARG A 22 0.12 14.57 -0.72
N ILE A 23 0.61 13.63 0.11
CA ILE A 23 -0.03 12.30 0.20
C ILE A 23 -0.52 12.05 1.60
N ALA A 24 -1.48 11.14 1.72
CA ALA A 24 -2.03 10.79 3.00
C ALA A 24 -2.07 9.29 3.16
N LEU A 25 -1.85 8.85 4.39
CA LEU A 25 -1.92 7.44 4.72
C LEU A 25 -2.94 7.22 5.83
N MET A 26 -3.85 6.28 5.61
CA MET A 26 -4.83 5.86 6.60
C MET A 26 -4.33 4.72 7.44
N GLN A 27 -4.30 4.92 8.76
CA GLN A 27 -4.01 3.88 9.76
C GLN A 27 -5.23 3.69 10.68
N HIS A 28 -5.77 2.50 10.71
CA HIS A 28 -7.02 2.26 11.45
C HIS A 28 -7.21 0.75 11.59
N THR A 29 -8.10 0.39 12.49
CA THR A 29 -8.58 -0.99 12.73
C THR A 29 -9.75 -1.31 11.84
N ALA A 30 -9.73 -2.46 11.14
CA ALA A 30 -10.87 -2.89 10.41
C ALA A 30 -11.65 -3.92 11.19
N ARG A 31 -12.91 -4.04 10.85
CA ARG A 31 -13.76 -5.14 11.40
C ARG A 31 -13.84 -6.28 10.38
N PRO A 32 -13.36 -7.49 10.76
CA PRO A 32 -13.42 -8.62 9.83
C PRO A 32 -14.82 -8.85 9.30
N LEU A 33 -14.90 -9.02 7.98
CA LEU A 33 -16.08 -9.38 7.28
C LEU A 33 -17.20 -8.35 7.43
N ASP A 34 -16.85 -7.09 7.60
CA ASP A 34 -17.82 -6.00 7.66
C ASP A 34 -17.38 -4.85 6.73
N PRO A 35 -17.49 -5.07 5.42
CA PRO A 35 -17.07 -4.06 4.44
C PRO A 35 -17.90 -2.77 4.51
N GLN A 36 -19.17 -2.81 4.94
CA GLN A 36 -19.90 -1.53 5.04
C GLN A 36 -19.23 -0.65 6.06
N HIS A 37 -18.82 -1.22 7.20
CA HIS A 37 -18.11 -0.45 8.20
C HIS A 37 -16.69 -0.05 7.72
N ASN A 38 -15.98 -0.97 7.09
CA ASN A 38 -14.59 -0.70 6.71
C ASN A 38 -14.51 0.34 5.60
N LEU A 39 -15.42 0.23 4.64
CA LEU A 39 -15.48 1.24 3.58
C LEU A 39 -15.96 2.62 4.04
N ASP A 40 -16.88 2.65 5.02
CA ASP A 40 -17.22 3.88 5.66
C ASP A 40 -15.99 4.50 6.28
N LEU A 41 -15.12 3.70 6.93
CA LEU A 41 -13.91 4.27 7.49
C LEU A 41 -12.97 4.86 6.39
N ILE A 42 -12.84 4.17 5.28
CA ILE A 42 -11.98 4.67 4.17
C ILE A 42 -12.63 5.94 3.62
N ASP A 43 -13.98 6.00 3.60
CA ASP A 43 -14.66 7.19 3.09
C ASP A 43 -14.37 8.37 3.99
N ASP A 44 -14.45 8.19 5.29
CA ASP A 44 -14.13 9.24 6.20
C ASP A 44 -12.66 9.72 6.01
N ALA A 45 -11.76 8.76 5.84
CA ALA A 45 -10.35 9.10 5.70
C ALA A 45 -10.13 9.84 4.42
N ALA A 46 -10.79 9.45 3.36
CA ALA A 46 -10.65 10.08 2.09
C ALA A 46 -11.15 11.54 2.15
N ALA A 47 -12.26 11.73 2.83
CA ALA A 47 -12.80 13.10 3.06
C ALA A 47 -11.82 13.96 3.84
N ARG A 48 -11.30 13.47 4.95
CA ARG A 48 -10.35 14.22 5.77
C ARG A 48 -9.04 14.47 5.03
N ALA A 49 -8.56 13.52 4.26
CA ALA A 49 -7.34 13.70 3.48
C ALA A 49 -7.55 14.76 2.42
N SER A 50 -8.66 14.66 1.71
CA SER A 50 -8.94 15.66 0.66
C SER A 50 -9.10 17.08 1.24
N GLU A 51 -9.74 17.16 2.40
CA GLU A 51 -9.84 18.45 3.09
C GLU A 51 -8.50 19.01 3.45
N GLN A 52 -7.51 18.15 3.72
CA GLN A 52 -6.17 18.69 4.02
C GLN A 52 -5.37 18.93 2.79
N GLY A 53 -5.96 18.86 1.62
CA GLY A 53 -5.22 19.14 0.43
C GLY A 53 -4.35 18.00 -0.08
N ALA A 54 -4.49 16.79 0.49
CA ALA A 54 -3.85 15.61 -0.09
C ALA A 54 -4.42 15.27 -1.45
N GLN A 55 -3.59 14.84 -2.38
CA GLN A 55 -4.02 14.38 -3.69
C GLN A 55 -4.19 12.86 -3.81
N LEU A 56 -3.71 12.13 -2.81
CA LEU A 56 -3.79 10.69 -2.83
C LEU A 56 -3.87 10.17 -1.40
N LEU A 57 -4.65 9.12 -1.20
CA LEU A 57 -4.76 8.46 0.06
C LEU A 57 -4.39 7.01 -0.14
N LEU A 58 -3.45 6.56 0.65
CA LEU A 58 -3.04 5.16 0.66
C LEU A 58 -3.71 4.45 1.85
N THR A 59 -4.31 3.28 1.60
CA THR A 59 -5.03 2.55 2.70
C THR A 59 -4.42 1.13 2.91
N PRO A 60 -4.70 0.50 4.04
CA PRO A 60 -3.93 -0.73 4.34
C PRO A 60 -4.37 -2.02 3.61
N GLU A 61 -3.54 -3.06 3.69
CA GLU A 61 -3.80 -4.36 3.04
C GLU A 61 -5.10 -4.99 3.47
N LEU A 62 -5.89 -5.42 2.48
CA LEU A 62 -7.18 -6.10 2.72
C LEU A 62 -8.08 -5.36 3.65
N PHE A 63 -8.00 -4.03 3.71
CA PHE A 63 -8.73 -3.29 4.69
C PHE A 63 -10.24 -3.48 4.61
N GLY A 64 -10.77 -3.59 3.40
CA GLY A 64 -12.17 -3.63 3.18
C GLY A 64 -12.86 -4.83 3.86
N PHE A 65 -12.19 -6.00 3.91
CA PHE A 65 -12.77 -7.18 4.55
C PHE A 65 -12.13 -7.54 5.84
N GLY A 66 -11.16 -6.73 6.26
CA GLY A 66 -10.26 -7.04 7.33
C GLY A 66 -9.16 -8.03 6.91
N TYR A 67 -8.05 -7.97 7.63
CA TYR A 67 -6.95 -8.92 7.40
C TYR A 67 -7.26 -10.27 8.04
N VAL A 68 -8.05 -11.06 7.33
CA VAL A 68 -8.50 -12.40 7.80
C VAL A 68 -8.48 -13.40 6.67
N PRO A 69 -7.27 -13.72 6.18
CA PRO A 69 -7.14 -14.47 4.94
C PRO A 69 -8.01 -15.78 4.88
N SER A 70 -7.97 -16.61 5.91
CA SER A 70 -8.73 -17.87 5.85
C SER A 70 -10.22 -17.59 5.74
N GLN A 71 -10.70 -16.53 6.41
CA GLN A 71 -12.13 -16.21 6.33
C GLN A 71 -12.57 -15.52 5.05
N ILE A 72 -11.65 -14.81 4.42
CA ILE A 72 -11.90 -14.31 3.08
C ILE A 72 -12.10 -15.45 2.10
N CYS A 73 -11.20 -16.40 2.13
CA CYS A 73 -11.23 -17.51 1.24
C CYS A 73 -12.54 -18.30 1.47
N ALA A 74 -12.92 -18.50 2.70
CA ALA A 74 -14.14 -19.33 3.00
C ALA A 74 -15.47 -18.63 2.78
N GLN A 75 -15.55 -17.33 3.05
CA GLN A 75 -16.83 -16.61 3.13
C GLN A 75 -17.05 -15.48 2.12
N VAL A 76 -15.99 -14.97 1.50
CA VAL A 76 -16.17 -13.78 0.69
C VAL A 76 -16.20 -14.13 -0.78
N SER A 77 -17.34 -13.86 -1.41
CA SER A 77 -17.56 -14.24 -2.79
C SER A 77 -16.94 -13.19 -3.71
N ALA A 78 -16.79 -13.55 -4.96
CA ALA A 78 -16.31 -12.62 -6.01
C ALA A 78 -17.26 -11.50 -6.21
N GLU A 79 -18.55 -11.80 -6.08
CA GLU A 79 -19.55 -10.67 -6.19
C GLU A 79 -19.41 -9.65 -5.02
N GLN A 80 -19.13 -10.12 -3.82
CA GLN A 80 -18.99 -9.24 -2.69
C GLN A 80 -17.66 -8.42 -2.85
N VAL A 81 -16.63 -9.02 -3.42
CA VAL A 81 -15.36 -8.24 -3.65
C VAL A 81 -15.62 -7.16 -4.70
N ASP A 82 -16.29 -7.55 -5.78
CA ASP A 82 -16.64 -6.61 -6.82
C ASP A 82 -17.46 -5.42 -6.32
N ALA A 83 -18.40 -5.65 -5.40
CA ALA A 83 -19.21 -4.58 -4.82
C ALA A 83 -18.39 -3.62 -3.95
N ALA A 84 -17.46 -4.16 -3.16
CA ALA A 84 -16.56 -3.31 -2.41
C ALA A 84 -15.67 -2.49 -3.37
N ARG A 85 -15.09 -3.14 -4.37
CA ARG A 85 -14.29 -2.44 -5.39
C ARG A 85 -15.05 -1.28 -6.04
N SER A 86 -16.28 -1.58 -6.42
CA SER A 86 -17.16 -0.55 -7.04
C SER A 86 -17.38 0.60 -6.07
N ARG A 87 -17.65 0.32 -4.82
CA ARG A 87 -17.81 1.38 -3.86
C ARG A 87 -16.51 2.22 -3.62
N LEU A 88 -15.34 1.57 -3.70
CA LEU A 88 -14.05 2.29 -3.48
C LEU A 88 -13.80 3.25 -4.65
N ARG A 89 -14.12 2.80 -5.85
CA ARG A 89 -14.05 3.68 -7.02
C ARG A 89 -14.96 4.89 -6.79
N GLY A 90 -16.15 4.65 -6.22
CA GLY A 90 -17.11 5.72 -5.86
C GLY A 90 -16.57 6.70 -4.82
N ILE A 91 -15.84 6.19 -3.84
CA ILE A 91 -15.24 7.04 -2.85
C ILE A 91 -14.17 7.98 -3.46
N ALA A 92 -13.28 7.45 -4.29
CA ALA A 92 -12.27 8.25 -4.96
C ALA A 92 -12.95 9.42 -5.72
N ARG A 93 -14.03 9.08 -6.41
CA ARG A 93 -14.85 10.08 -7.15
C ARG A 93 -15.52 11.09 -6.24
N ASP A 94 -16.33 10.60 -5.32
CA ASP A 94 -17.10 11.49 -4.47
C ASP A 94 -16.27 12.32 -3.54
N ARG A 95 -15.10 11.84 -3.11
CA ARG A 95 -14.24 12.64 -2.26
C ARG A 95 -13.18 13.38 -3.04
N GLY A 96 -13.07 13.12 -4.34
CA GLY A 96 -12.16 13.89 -5.22
C GLY A 96 -10.68 13.69 -4.88
N ILE A 97 -10.21 12.45 -4.79
CA ILE A 97 -8.85 12.16 -4.34
C ILE A 97 -8.48 10.80 -4.87
N ALA A 98 -7.23 10.67 -5.30
CA ALA A 98 -6.75 9.38 -5.75
C ALA A 98 -6.69 8.47 -4.51
N LEU A 99 -6.97 7.19 -4.73
CA LEU A 99 -7.00 6.24 -3.66
C LEU A 99 -6.23 4.96 -4.05
N VAL A 100 -5.42 4.48 -3.13
CA VAL A 100 -4.86 3.15 -3.26
C VAL A 100 -5.50 2.26 -2.22
N TRP A 101 -6.05 1.14 -2.67
CA TRP A 101 -6.69 0.19 -1.79
C TRP A 101 -6.14 -1.20 -2.07
N SER A 102 -6.50 -2.14 -1.21
CA SER A 102 -6.08 -3.51 -1.38
C SER A 102 -7.24 -4.45 -1.02
N LEU A 103 -7.66 -5.25 -1.98
CA LEU A 103 -8.75 -6.18 -1.86
C LEU A 103 -8.24 -7.51 -2.38
N PRO A 104 -8.99 -8.58 -2.13
CA PRO A 104 -8.82 -9.78 -2.92
C PRO A 104 -8.96 -9.49 -4.40
N GLY A 105 -8.36 -10.33 -5.23
CA GLY A 105 -8.48 -10.17 -6.66
C GLY A 105 -9.89 -10.55 -7.11
N PRO A 106 -10.16 -10.40 -8.39
CA PRO A 106 -11.58 -10.42 -8.83
C PRO A 106 -12.05 -11.82 -9.20
N GLU A 107 -11.12 -12.77 -9.31
CA GLU A 107 -11.45 -14.16 -9.65
C GLU A 107 -12.17 -14.88 -8.47
N GLY A 108 -12.45 -16.16 -8.70
CA GLY A 108 -13.08 -16.98 -7.74
C GLY A 108 -12.15 -17.15 -6.54
N PRO A 109 -12.72 -17.55 -5.42
CA PRO A 109 -12.02 -17.75 -4.17
C PRO A 109 -10.74 -18.60 -4.20
N GLU A 110 -10.75 -19.60 -5.07
CA GLU A 110 -9.62 -20.50 -5.22
C GLU A 110 -8.65 -19.98 -6.27
N GLN A 111 -9.01 -18.95 -7.06
CA GLN A 111 -8.07 -18.47 -8.07
C GLN A 111 -7.48 -17.04 -7.87
N ARG A 112 -7.96 -16.33 -6.88
CA ARG A 112 -7.57 -14.93 -6.68
C ARG A 112 -6.41 -14.72 -5.72
N GLY A 113 -5.72 -13.58 -5.88
CA GLY A 113 -4.69 -13.19 -4.97
C GLY A 113 -5.09 -12.02 -4.12
N ILE A 114 -4.09 -11.40 -3.53
CA ILE A 114 -4.26 -10.17 -2.80
C ILE A 114 -3.77 -9.08 -3.72
N THR A 115 -4.54 -8.01 -3.86
CA THR A 115 -4.18 -6.99 -4.84
C THR A 115 -4.01 -5.63 -4.20
N ALA A 116 -3.42 -4.72 -4.99
CA ALA A 116 -3.47 -3.31 -4.69
C ALA A 116 -3.87 -2.64 -5.99
N GLU A 117 -4.65 -1.59 -5.89
CA GLU A 117 -5.04 -0.86 -7.06
C GLU A 117 -4.98 0.64 -6.75
N LEU A 118 -4.65 1.40 -7.80
CA LEU A 118 -4.71 2.89 -7.73
C LEU A 118 -5.82 3.43 -8.61
N ALA A 119 -6.74 4.18 -8.02
CA ALA A 119 -7.76 4.90 -8.74
C ALA A 119 -7.50 6.39 -8.61
N ASP A 120 -7.78 7.12 -9.72
CA ASP A 120 -7.65 8.55 -9.72
C ASP A 120 -8.83 9.23 -9.05
N GLU A 121 -8.72 10.55 -8.94
CA GLU A 121 -9.80 11.35 -8.38
C GLU A 121 -11.08 11.30 -9.21
N HIS A 122 -11.10 10.67 -10.39
CA HIS A 122 -12.33 10.40 -11.12
C HIS A 122 -12.89 9.01 -10.85
N GLY A 123 -12.20 8.16 -10.09
CA GLY A 123 -12.70 6.81 -9.85
C GLY A 123 -12.30 5.84 -10.90
N GLU A 124 -11.39 6.19 -11.75
CA GLU A 124 -10.86 5.25 -12.74
C GLU A 124 -9.61 4.59 -12.25
N VAL A 125 -9.51 3.29 -12.47
CA VAL A 125 -8.43 2.49 -11.98
C VAL A 125 -7.31 2.56 -12.97
N LEU A 126 -6.18 3.08 -12.52
CA LEU A 126 -5.03 3.29 -13.37
C LEU A 126 -4.07 2.16 -13.34
N ALA A 127 -4.01 1.43 -12.23
CA ALA A 127 -2.97 0.41 -12.03
C ALA A 127 -3.46 -0.60 -11.02
N SER A 128 -3.07 -1.83 -11.26
CA SER A 128 -3.49 -2.99 -10.48
CA SER A 128 -3.49 -2.97 -10.49
C SER A 128 -2.25 -3.87 -10.34
N TYR A 129 -2.10 -4.52 -9.19
CA TYR A 129 -0.96 -5.32 -8.93
C TYR A 129 -1.37 -6.42 -7.96
N GLN A 130 -0.88 -7.64 -8.19
CA GLN A 130 -1.13 -8.79 -7.34
C GLN A 130 0.12 -9.16 -6.54
N LYS A 131 -0.03 -9.14 -5.24
CA LYS A 131 1.04 -9.44 -4.30
C LYS A 131 1.81 -10.76 -4.69
N VAL A 132 3.12 -10.64 -4.83
CA VAL A 132 4.00 -11.72 -5.30
C VAL A 132 4.49 -12.60 -4.14
N GLN A 133 4.80 -11.99 -3.02
CA GLN A 133 5.31 -12.66 -1.84
C GLN A 133 4.23 -12.78 -0.79
N LEU A 134 3.57 -13.92 -0.77
CA LEU A 134 2.58 -14.15 0.26
C LEU A 134 3.28 -14.57 1.54
N TYR A 135 2.71 -14.19 2.68
CA TYR A 135 3.33 -14.36 3.99
C TYR A 135 2.57 -15.45 4.79
N GLY A 136 3.26 -16.55 5.05
CA GLY A 136 2.78 -17.53 5.97
C GLY A 136 1.71 -18.47 5.41
N PRO A 137 1.38 -19.51 6.19
CA PRO A 137 0.54 -20.56 5.66
C PRO A 137 -0.91 -20.16 5.42
N GLU A 138 -1.41 -19.23 6.18
CA GLU A 138 -2.79 -18.83 6.01
C GLU A 138 -2.95 -18.04 4.71
N GLU A 139 -2.09 -17.05 4.43
CA GLU A 139 -2.15 -16.38 3.14
C GLU A 139 -1.96 -17.29 1.97
N LYS A 140 -0.94 -18.14 2.08
CA LYS A 140 -0.64 -19.08 1.01
C LYS A 140 -1.74 -20.08 0.75
N ALA A 141 -2.50 -20.42 1.76
CA ALA A 141 -3.69 -21.27 1.56
C ALA A 141 -4.85 -20.50 0.98
N ALA A 142 -4.97 -19.20 1.25
CA ALA A 142 -6.19 -18.46 0.86
C ALA A 142 -6.08 -17.74 -0.47
N PHE A 143 -4.85 -17.57 -0.98
CA PHE A 143 -4.59 -16.72 -2.12
C PHE A 143 -3.55 -17.32 -3.02
N VAL A 144 -3.62 -16.96 -4.28
CA VAL A 144 -2.66 -17.35 -5.29
C VAL A 144 -1.63 -16.19 -5.43
N PRO A 145 -0.33 -16.51 -5.45
CA PRO A 145 0.67 -15.45 -5.60
C PRO A 145 0.67 -14.79 -6.98
N GLY A 146 0.98 -13.51 -7.04
CA GLY A 146 1.14 -12.85 -8.32
C GLY A 146 2.41 -13.33 -9.03
N GLU A 147 2.42 -13.14 -10.33
CA GLU A 147 3.48 -13.54 -11.19
C GLU A 147 4.02 -12.35 -11.99
N GLN A 148 3.54 -11.13 -11.79
CA GLN A 148 3.99 -9.99 -12.58
C GLN A 148 4.80 -8.98 -11.77
N PRO A 149 5.68 -8.26 -12.45
CA PRO A 149 6.47 -7.27 -11.72
C PRO A 149 5.59 -6.08 -11.33
N PRO A 150 5.99 -5.30 -10.35
CA PRO A 150 5.18 -4.14 -10.02
C PRO A 150 5.03 -3.13 -11.18
N PRO A 151 3.87 -2.51 -11.30
CA PRO A 151 3.63 -1.49 -12.28
C PRO A 151 4.23 -0.17 -11.88
N VAL A 152 4.62 0.57 -12.88
CA VAL A 152 5.15 1.88 -12.63
C VAL A 152 4.41 2.90 -13.56
N LEU A 153 3.92 4.04 -13.05
CA LEU A 153 3.19 4.99 -13.88
C LEU A 153 3.25 6.42 -13.43
N SER A 154 3.24 7.30 -14.38
CA SER A 154 3.29 8.74 -14.09
C SER A 154 1.99 9.21 -13.46
N TRP A 155 2.07 9.98 -12.40
CA TRP A 155 0.88 10.48 -11.76
C TRP A 155 1.38 11.52 -10.85
N GLY A 156 0.73 12.69 -10.93
CA GLY A 156 1.07 13.81 -10.07
C GLY A 156 2.47 14.33 -10.24
N GLY A 157 3.02 14.14 -11.42
CA GLY A 157 4.38 14.55 -11.65
C GLY A 157 5.57 13.62 -11.22
N ARG A 158 5.31 12.38 -10.75
CA ARG A 158 6.32 11.37 -10.37
C ARG A 158 6.00 9.94 -10.95
N GLN A 159 6.93 8.98 -10.89
CA GLN A 159 6.70 7.60 -11.28
C GLN A 159 6.31 6.91 -9.95
N LEU A 160 5.06 6.52 -9.90
CA LEU A 160 4.49 5.76 -8.78
C LEU A 160 4.52 4.27 -9.07
N SER A 161 4.60 3.46 -8.01
CA SER A 161 4.51 2.03 -8.14
C SER A 161 3.75 1.50 -6.92
N LEU A 162 3.43 0.26 -7.00
CA LEU A 162 2.67 -0.44 -5.96
C LEU A 162 3.37 -1.74 -5.57
N LEU A 163 3.37 -2.02 -4.27
CA LEU A 163 3.76 -3.31 -3.74
C LEU A 163 2.83 -3.57 -2.54
N VAL A 164 2.81 -4.80 -2.04
CA VAL A 164 1.92 -5.13 -0.92
C VAL A 164 2.67 -5.83 0.23
N ALA A 165 2.64 -5.18 1.39
CA ALA A 165 3.03 -5.79 2.65
C ALA A 165 4.38 -6.55 2.56
N TYR A 166 4.38 -7.88 2.77
CA TYR A 166 5.60 -8.67 2.79
C TYR A 166 6.53 -8.40 1.58
N ASP A 167 5.97 -8.12 0.43
CA ASP A 167 6.75 -7.81 -0.77
C ASP A 167 7.94 -6.92 -0.49
N VAL A 168 7.69 -5.85 0.26
CA VAL A 168 8.70 -4.82 0.42
C VAL A 168 9.94 -5.25 1.28
N GLU A 169 9.76 -6.36 1.99
CA GLU A 169 10.81 -6.99 2.75
C GLU A 169 11.83 -7.69 1.87
N PHE A 170 11.52 -7.83 0.58
CA PHE A 170 12.44 -8.46 -0.36
C PHE A 170 13.05 -7.39 -1.18
N PRO A 171 14.37 -7.22 -1.04
CA PRO A 171 15.03 -6.12 -1.75
C PRO A 171 14.78 -6.23 -3.24
N GLU A 172 14.64 -7.45 -3.73
CA GLU A 172 14.40 -7.69 -5.17
C GLU A 172 13.10 -7.07 -5.65
N MET A 173 12.08 -7.04 -4.81
CA MET A 173 10.81 -6.50 -5.23
C MET A 173 10.84 -5.00 -5.42
N VAL A 174 11.49 -4.30 -4.53
CA VAL A 174 11.59 -2.88 -4.61
C VAL A 174 12.59 -2.56 -5.73
N ARG A 175 13.64 -3.36 -5.90
CA ARG A 175 14.59 -3.13 -7.01
C ARG A 175 13.86 -3.26 -8.35
N ALA A 176 12.92 -4.18 -8.44
CA ALA A 176 12.16 -4.31 -9.67
C ALA A 176 11.36 -3.08 -9.98
N ALA A 177 10.68 -2.51 -9.00
CA ALA A 177 9.98 -1.25 -9.20
C ALA A 177 10.96 -0.12 -9.62
N ALA A 178 12.08 0.04 -8.88
CA ALA A 178 12.98 1.14 -9.12
C ALA A 178 13.65 1.01 -10.48
N ALA A 179 13.92 -0.24 -10.91
CA ALA A 179 14.59 -0.49 -12.19
C ALA A 179 13.67 -0.11 -13.33
N ARG A 180 12.35 -0.13 -13.10
CA ARG A 180 11.36 0.34 -14.11
C ARG A 180 11.07 1.83 -14.00
N GLY A 181 11.80 2.53 -13.16
CA GLY A 181 11.68 4.00 -13.03
C GLY A 181 10.91 4.55 -11.84
N ALA A 182 10.40 3.69 -10.92
CA ALA A 182 9.65 4.15 -9.73
C ALA A 182 10.42 5.14 -8.89
N GLN A 183 9.71 6.17 -8.48
CA GLN A 183 10.20 7.17 -7.54
C GLN A 183 9.51 7.16 -6.19
N LEU A 184 8.24 6.76 -6.17
CA LEU A 184 7.43 6.67 -4.98
C LEU A 184 6.71 5.30 -5.02
N VAL A 185 6.98 4.48 -4.02
CA VAL A 185 6.43 3.17 -3.94
C VAL A 185 5.40 3.19 -2.77
N LEU A 186 4.17 2.85 -3.12
CA LEU A 186 3.04 2.88 -2.23
C LEU A 186 2.69 1.45 -1.81
N VAL A 187 2.66 1.21 -0.49
CA VAL A 187 2.58 -0.11 0.08
C VAL A 187 1.49 -0.23 1.18
N PRO A 188 0.34 -0.74 0.76
CA PRO A 188 -0.65 -1.12 1.74
C PRO A 188 0.02 -2.29 2.53
N THR A 189 -0.17 -2.39 3.86
CA THR A 189 0.36 -3.51 4.65
C THR A 189 -0.56 -3.94 5.87
N ALA A 190 -0.24 -5.06 6.55
CA ALA A 190 -0.94 -5.54 7.73
C ALA A 190 0.11 -6.24 8.61
N LEU A 191 0.80 -5.43 9.34
CA LEU A 191 1.93 -5.89 10.17
C LEU A 191 1.61 -5.91 11.65
N ALA A 192 1.64 -7.12 12.20
CA ALA A 192 1.37 -7.39 13.60
C ALA A 192 2.57 -8.01 14.24
N GLY A 193 2.55 -8.09 15.56
CA GLY A 193 3.55 -8.86 16.31
C GLY A 193 4.74 -8.06 16.76
N ASP A 194 4.58 -6.74 16.84
CA ASP A 194 5.68 -5.84 17.20
C ASP A 194 6.95 -6.12 16.35
N GLU A 195 6.76 -6.25 15.03
CA GLU A 195 7.90 -6.42 14.10
C GLU A 195 8.52 -5.07 13.75
N THR A 196 9.21 -4.51 14.73
CA THR A 196 9.82 -3.19 14.60
C THR A 196 10.94 -3.09 13.53
N SER A 197 11.60 -4.19 13.22
CA SER A 197 12.67 -4.11 12.23
C SER A 197 12.17 -3.94 10.79
N VAL A 198 10.89 -4.13 10.56
CA VAL A 198 10.39 -3.92 9.21
C VAL A 198 10.41 -2.37 8.93
N PRO A 199 9.62 -1.57 9.65
CA PRO A 199 9.68 -0.11 9.45
C PRO A 199 11.03 0.47 9.92
N GLY A 200 11.60 -0.14 10.93
CA GLY A 200 12.80 0.44 11.53
C GLY A 200 14.06 0.23 10.72
N ILE A 201 14.18 -0.95 10.10
CA ILE A 201 15.46 -1.36 9.42
C ILE A 201 15.27 -1.59 7.92
N LEU A 202 14.31 -2.42 7.58
CA LEU A 202 14.12 -2.74 6.17
C LEU A 202 13.64 -1.62 5.32
N LEU A 203 12.63 -0.90 5.73
CA LEU A 203 12.06 0.11 4.85
C LEU A 203 13.07 1.19 4.56
N PRO A 204 13.79 1.69 5.58
CA PRO A 204 14.77 2.76 5.28
C PRO A 204 15.83 2.26 4.30
N ALA A 205 16.20 0.99 4.43
CA ALA A 205 17.17 0.42 3.51
C ALA A 205 16.66 0.37 2.05
N ARG A 206 15.39 -0.06 1.88
CA ARG A 206 14.80 -0.10 0.59
C ARG A 206 14.84 1.28 -0.07
N ALA A 207 14.54 2.30 0.72
CA ALA A 207 14.58 3.69 0.24
C ALA A 207 16.01 4.11 -0.17
N VAL A 208 16.96 3.83 0.70
CA VAL A 208 18.36 4.25 0.46
C VAL A 208 18.96 3.48 -0.70
N GLU A 209 18.76 2.16 -0.73
CA GLU A 209 19.43 1.33 -1.74
C GLU A 209 18.85 1.58 -3.14
N ASN A 210 17.68 2.22 -3.23
CA ASN A 210 17.14 2.60 -4.51
C ASN A 210 17.00 4.09 -4.77
N GLY A 211 17.31 4.94 -3.81
CA GLY A 211 17.04 6.39 -3.95
C GLY A 211 15.57 6.69 -4.19
N ILE A 212 14.68 6.05 -3.43
CA ILE A 212 13.23 6.28 -3.61
C ILE A 212 12.55 6.60 -2.33
N THR A 213 11.29 7.01 -2.45
CA THR A 213 10.41 7.28 -1.31
C THR A 213 9.43 6.12 -1.24
N LEU A 214 9.13 5.66 -0.03
CA LEU A 214 8.20 4.59 0.20
C LEU A 214 7.19 5.02 1.23
N ALA A 215 5.92 4.71 0.96
CA ALA A 215 4.83 4.96 1.91
C ALA A 215 4.23 3.63 2.31
N TYR A 216 4.14 3.46 3.60
CA TYR A 216 3.79 2.18 4.23
C TYR A 216 2.55 2.40 5.17
N ALA A 217 1.35 1.90 4.83
CA ALA A 217 0.09 2.13 5.57
C ALA A 217 -0.39 0.86 6.20
N ASN A 218 -0.35 0.86 7.50
CA ASN A 218 -0.68 -0.32 8.29
C ASN A 218 -2.02 -0.18 9.01
N HIS A 219 -2.60 -1.33 9.31
CA HIS A 219 -3.61 -1.44 10.33
C HIS A 219 -3.00 -1.07 11.69
N CYS A 220 -3.88 -0.88 12.66
CA CYS A 220 -3.45 -0.75 14.05
C CYS A 220 -4.57 -1.38 14.90
N GLY A 221 -4.22 -1.75 16.12
CA GLY A 221 -5.22 -2.19 17.09
C GLY A 221 -5.67 -3.63 16.86
N PRO A 222 -6.74 -4.02 17.57
CA PRO A 222 -7.17 -5.43 17.63
C PRO A 222 -8.03 -5.77 16.49
N GLU A 223 -7.62 -6.78 15.74
CA GLU A 223 -8.31 -7.14 14.54
C GLU A 223 -7.95 -8.56 14.09
N GLY A 224 -8.99 -9.38 13.89
CA GLY A 224 -8.83 -10.71 13.40
C GLY A 224 -7.87 -11.62 14.14
N GLY A 225 -7.85 -11.51 15.47
CA GLY A 225 -7.03 -12.37 16.27
C GLY A 225 -5.61 -11.92 16.40
N LEU A 226 -5.34 -10.69 15.96
CA LEU A 226 -4.05 -10.10 16.06
C LEU A 226 -4.21 -8.69 16.59
N VAL A 227 -3.10 -8.12 17.00
CA VAL A 227 -3.09 -6.72 17.34
C VAL A 227 -2.04 -6.08 16.42
N PHE A 228 -2.46 -5.17 15.60
CA PHE A 228 -1.57 -4.62 14.58
C PHE A 228 -0.72 -3.48 15.15
N ASP A 229 0.46 -3.34 14.60
CA ASP A 229 1.52 -2.47 15.12
C ASP A 229 1.28 -0.97 14.89
N GLY A 230 0.47 -0.60 13.90
CA GLY A 230 0.51 0.78 13.44
C GLY A 230 1.89 1.05 12.91
N GLY A 231 2.46 2.21 13.26
CA GLY A 231 3.77 2.54 12.76
C GLY A 231 3.79 2.86 11.27
N SER A 232 2.65 3.33 10.72
CA SER A 232 2.65 3.78 9.32
C SER A 232 3.69 4.89 9.12
N VAL A 233 4.34 4.90 7.97
CA VAL A 233 5.49 5.74 7.75
C VAL A 233 5.68 6.06 6.28
N VAL A 234 6.25 7.27 6.03
CA VAL A 234 6.75 7.63 4.72
C VAL A 234 8.23 7.86 4.88
N VAL A 235 9.01 7.06 4.17
CA VAL A 235 10.44 7.12 4.24
C VAL A 235 11.04 7.71 2.94
N GLY A 236 11.87 8.74 3.09
CA GLY A 236 12.53 9.37 2.00
C GLY A 236 13.80 8.69 1.51
N PRO A 237 14.40 9.21 0.44
CA PRO A 237 15.55 8.49 -0.14
C PRO A 237 16.83 8.51 0.65
N ALA A 238 16.91 9.32 1.71
CA ALA A 238 18.03 9.22 2.70
C ALA A 238 17.71 8.22 3.81
N GLY A 239 16.56 7.56 3.75
CA GLY A 239 16.20 6.61 4.79
C GLY A 239 15.54 7.26 5.99
N GLN A 240 15.21 8.55 5.93
CA GLN A 240 14.65 9.24 7.10
C GLN A 240 13.12 9.34 6.97
N PRO A 241 12.42 9.29 8.07
CA PRO A 241 10.96 9.35 8.03
C PRO A 241 10.54 10.79 7.73
N LEU A 242 9.81 10.97 6.64
CA LEU A 242 9.21 12.24 6.38
C LEU A 242 8.01 12.43 7.31
N GLY A 243 7.40 11.35 7.77
CA GLY A 243 6.29 11.41 8.74
C GLY A 243 6.04 10.01 9.23
N GLU A 244 5.49 9.88 10.42
CA GLU A 244 5.20 8.53 10.95
C GLU A 244 4.17 8.58 12.02
N LEU A 245 3.43 7.50 12.20
CA LEU A 245 2.41 7.42 13.27
C LEU A 245 2.90 6.45 14.29
N GLY A 246 2.24 6.46 15.45
CA GLY A 246 2.50 5.48 16.50
C GLY A 246 1.51 4.33 16.37
N VAL A 247 1.01 3.88 17.51
CA VAL A 247 0.14 2.75 17.54
C VAL A 247 -1.33 3.04 17.38
N GLU A 248 -1.75 4.29 17.43
CA GLU A 248 -3.16 4.65 17.46
C GLU A 248 -3.66 4.96 16.05
N PRO A 249 -4.96 4.90 15.84
CA PRO A 249 -5.50 5.27 14.53
C PRO A 249 -5.10 6.67 14.13
N GLY A 250 -4.92 6.91 12.84
CA GLY A 250 -4.48 8.22 12.43
C GLY A 250 -4.50 8.39 10.97
N LEU A 251 -4.37 9.63 10.55
CA LEU A 251 -4.26 10.00 9.17
C LEU A 251 -2.94 10.78 9.03
N LEU A 252 -1.95 10.18 8.41
CA LEU A 252 -0.63 10.79 8.25
C LEU A 252 -0.63 11.54 6.93
N VAL A 253 -0.29 12.82 6.97
CA VAL A 253 -0.27 13.65 5.76
C VAL A 253 1.12 14.24 5.59
N VAL A 254 1.72 14.07 4.41
CA VAL A 254 3.10 14.42 4.16
CA VAL A 254 3.07 14.51 4.19
C VAL A 254 3.24 15.12 2.82
N ASP A 255 4.07 16.14 2.78
CA ASP A 255 4.45 16.78 1.57
C ASP A 255 5.74 16.17 1.09
N LEU A 256 5.77 15.75 -0.15
CA LEU A 256 6.98 15.23 -0.70
C LEU A 256 7.79 16.34 -1.32
N PRO A 257 9.05 16.43 -1.01
CA PRO A 257 9.89 17.48 -1.60
C PRO A 257 10.07 17.29 -3.09
N ASP A 258 10.32 18.40 -3.74
CA ASP A 258 10.50 18.40 -5.16
C ASP A 258 11.75 17.66 -5.56
N ALA A 268 26.19 7.57 -3.81
CA ALA A 268 26.26 6.32 -4.56
C ALA A 268 25.08 6.14 -5.48
N ASP A 269 25.34 5.82 -6.74
CA ASP A 269 24.30 5.52 -7.73
C ASP A 269 24.14 4.00 -7.91
N TYR A 270 23.40 3.44 -6.96
CA TYR A 270 23.24 2.03 -6.92
C TYR A 270 22.58 1.47 -8.21
N LEU A 271 21.59 2.18 -8.73
CA LEU A 271 20.77 1.61 -9.82
C LEU A 271 21.60 1.47 -11.11
N GLN A 272 22.53 2.39 -11.29
CA GLN A 272 23.49 2.34 -12.41
C GLN A 272 24.67 1.41 -12.17
N ASP A 273 25.24 1.41 -10.95
CA ASP A 273 26.44 0.57 -10.69
C ASP A 273 26.14 -0.89 -10.64
N ARG A 274 24.96 -1.30 -10.17
CA ARG A 274 24.69 -2.71 -9.98
C ARG A 274 24.98 -3.53 -11.25
N ARG A 275 25.66 -4.67 -11.08
CA ARG A 275 25.97 -5.58 -12.18
C ARG A 275 24.83 -6.56 -12.27
N ALA A 276 23.72 -6.07 -12.85
CA ALA A 276 22.45 -6.81 -12.88
C ALA A 276 22.58 -8.12 -13.62
N GLU A 277 23.34 -8.14 -14.70
CA GLU A 277 23.51 -9.37 -15.47
C GLU A 277 24.17 -10.45 -14.63
N LEU A 278 25.15 -10.09 -13.79
CA LEU A 278 25.77 -11.06 -12.88
C LEU A 278 24.80 -11.45 -11.78
N HIS A 279 24.19 -10.43 -11.17
CA HIS A 279 23.26 -10.63 -10.05
C HIS A 279 22.12 -11.62 -10.40
N ARG A 280 21.60 -11.48 -11.62
CA ARG A 280 20.47 -12.36 -12.07
C ARG A 280 20.88 -13.82 -12.12
N ASN A 281 22.16 -14.10 -12.37
CA ASN A 281 22.64 -15.46 -12.31
C ASN A 281 23.01 -15.97 -10.95
N TRP A 282 23.07 -15.12 -9.96
CA TRP A 282 23.49 -15.57 -8.63
C TRP A 282 22.39 -15.73 -7.59
N LEU A 283 21.20 -15.24 -7.89
CA LEU A 283 20.08 -15.24 -6.95
C LEU A 283 19.58 -16.65 -6.88
#